data_4UDS
#
_entry.id   4UDS
#
_cell.length_a   47.030
_cell.length_b   56.210
_cell.length_c   143.820
_cell.angle_alpha   90.00
_cell.angle_beta   90.00
_cell.angle_gamma   90.00
#
_symmetry.space_group_name_H-M   'I 2 2 2'
#
loop_
_entity.id
_entity.type
_entity.pdbx_description
1 polymer 'MBDR REGULATOR'
2 water water
#
_entity_poly.entity_id   1
_entity_poly.type   'polypeptide(L)'
_entity_poly.pdbx_seq_one_letter_code
;(MSE)RKLNKKEEQRKASTENILGCALDLFVKNGYRATTID(MSE)IAARAGLTKGAIYFYFKTKDAI(MSE)L(MSE)L
LEEAEKYIVDPIDEY(MSE)ANAGPLADAKLVKFIN(MSE)QALLGVTKPQHVLLLILVSIDFSGTGDDIEKRAKAIYRR
(MSE)YGHVEQLIAQGQTEGVFRSDSGSDELASIV(MSE)AAHDGVLIEWYRRPNELTGKTLTKALRSVLLNGLIVDRGS
CKNPTF
;
_entity_poly.pdbx_strand_id   A
#
# COMPACT_ATOMS: atom_id res chain seq x y z
N ALA A 13 -10.30 -20.77 6.74
CA ALA A 13 -8.90 -20.97 7.01
C ALA A 13 -8.20 -21.66 5.87
N SER A 14 -8.88 -22.60 5.28
CA SER A 14 -8.41 -23.20 4.06
C SER A 14 -8.33 -22.08 2.99
N THR A 15 -9.31 -21.19 2.97
CA THR A 15 -9.29 -19.98 2.15
C THR A 15 -8.17 -18.96 2.52
N GLU A 16 -7.94 -18.74 3.80
CA GLU A 16 -6.87 -17.85 4.21
C GLU A 16 -5.52 -18.43 3.86
N ASN A 17 -5.46 -19.72 4.01
CA ASN A 17 -4.25 -20.41 3.73
C ASN A 17 -3.91 -20.24 2.26
N ILE A 18 -4.90 -20.37 1.38
CA ILE A 18 -4.68 -20.16 -0.05
C ILE A 18 -4.26 -18.74 -0.35
N LEU A 19 -4.97 -17.77 0.21
CA LEU A 19 -4.71 -16.40 -0.15
C LEU A 19 -3.31 -15.97 0.30
N GLY A 20 -2.92 -16.37 1.50
CA GLY A 20 -1.64 -16.01 2.05
C GLY A 20 -0.47 -16.61 1.29
N CYS A 21 -0.58 -17.87 0.94
CA CYS A 21 0.41 -18.49 0.09
C CYS A 21 0.46 -17.88 -1.29
N ALA A 22 -0.67 -17.54 -1.87
CA ALA A 22 -0.63 -16.90 -3.15
C ALA A 22 0.09 -15.59 -3.03
N LEU A 23 -0.23 -14.87 -1.99
CA LEU A 23 0.34 -13.57 -1.83
C LEU A 23 1.87 -13.65 -1.71
N ASP A 24 2.35 -14.58 -0.91
CA ASP A 24 3.77 -14.77 -0.77
C ASP A 24 4.42 -15.11 -2.12
N LEU A 25 3.81 -16.02 -2.86
CA LEU A 25 4.35 -16.36 -4.13
C LEU A 25 4.35 -15.19 -5.17
N PHE A 26 3.28 -14.42 -5.22
CA PHE A 26 3.21 -13.35 -6.17
C PHE A 26 4.34 -12.36 -5.86
N VAL A 27 4.52 -12.06 -4.59
CA VAL A 27 5.55 -11.11 -4.19
C VAL A 27 6.96 -11.59 -4.49
N LYS A 28 7.20 -12.87 -4.37
CA LYS A 28 8.54 -13.37 -4.60
C LYS A 28 8.83 -13.71 -6.04
N ASN A 29 7.81 -14.11 -6.77
CA ASN A 29 8.00 -14.52 -8.14
C ASN A 29 7.43 -13.62 -9.23
N GLY A 30 6.54 -12.73 -8.87
CA GLY A 30 5.71 -12.02 -9.82
C GLY A 30 4.39 -12.73 -10.10
N TYR A 31 3.42 -12.02 -10.66
CA TYR A 31 2.16 -12.63 -10.95
C TYR A 31 2.19 -13.69 -12.06
N ARG A 32 2.89 -13.39 -13.13
CA ARG A 32 2.89 -14.33 -14.26
C ARG A 32 3.56 -15.68 -14.03
N ALA A 33 4.69 -15.64 -13.35
CA ALA A 33 5.40 -16.85 -12.94
C ALA A 33 4.68 -17.69 -11.93
N THR A 34 3.75 -17.13 -11.20
CA THR A 34 3.04 -17.90 -10.20
C THR A 34 1.90 -18.69 -10.87
N THR A 35 1.69 -19.93 -10.49
CA THR A 35 0.64 -20.76 -11.02
C THR A 35 -0.19 -21.32 -9.87
N ILE A 36 -1.42 -21.68 -10.16
CA ILE A 36 -2.28 -22.32 -9.19
C ILE A 36 -1.61 -23.59 -8.71
N ASP A 37 -0.89 -24.30 -9.57
CA ASP A 37 -0.24 -25.53 -9.13
C ASP A 37 0.71 -25.19 -8.02
N MSE A 38 1.54 -24.16 -8.20
CA MSE A 38 2.47 -23.74 -7.18
C MSE A 38 1.79 -23.28 -5.89
O MSE A 38 2.23 -23.58 -4.83
CB MSE A 38 3.33 -22.60 -7.72
CG MSE A 38 4.28 -23.03 -8.83
SE MSE A 38 5.31 -21.59 -9.59
CE MSE A 38 6.51 -21.29 -8.09
N ILE A 39 0.71 -22.52 -6.02
CA ILE A 39 -0.02 -22.11 -4.84
C ILE A 39 -0.60 -23.29 -4.10
N ALA A 40 -1.15 -24.24 -4.84
CA ALA A 40 -1.71 -25.41 -4.24
C ALA A 40 -0.69 -26.25 -3.50
N ALA A 41 0.48 -26.46 -4.08
CA ALA A 41 1.48 -27.21 -3.35
C ALA A 41 1.93 -26.55 -2.08
N ARG A 42 2.18 -25.26 -2.13
CA ARG A 42 2.58 -24.49 -0.97
C ARG A 42 1.51 -24.50 0.10
N ALA A 43 0.27 -24.48 -0.30
CA ALA A 43 -0.80 -24.38 0.63
C ALA A 43 -1.18 -25.75 1.21
N GLY A 44 -0.65 -26.78 0.60
CA GLY A 44 -0.86 -28.14 1.04
C GLY A 44 -2.10 -28.82 0.52
N LEU A 45 -2.53 -28.49 -0.71
CA LEU A 45 -3.69 -29.16 -1.29
C LEU A 45 -3.44 -30.13 -2.43
N GLY A 48 -6.78 -30.02 -7.41
CA GLY A 48 -8.21 -29.94 -7.58
C GLY A 48 -8.92 -29.14 -6.53
N ALA A 49 -8.40 -29.16 -5.33
CA ALA A 49 -9.05 -28.46 -4.27
C ALA A 49 -9.14 -27.00 -4.56
N ILE A 50 -8.06 -26.41 -4.97
CA ILE A 50 -7.98 -25.01 -5.17
C ILE A 50 -9.03 -24.49 -6.11
N TYR A 51 -9.35 -25.24 -7.17
CA TYR A 51 -10.33 -24.80 -8.15
C TYR A 51 -11.72 -24.65 -7.62
N PHE A 52 -12.06 -25.38 -6.60
CA PHE A 52 -13.33 -25.17 -5.96
C PHE A 52 -13.50 -23.97 -5.05
N TYR A 53 -12.42 -23.32 -4.72
CA TYR A 53 -12.49 -22.14 -3.93
C TYR A 53 -12.38 -20.96 -4.86
N PHE A 54 -11.48 -21.08 -5.81
CA PHE A 54 -11.21 -20.02 -6.78
C PHE A 54 -11.07 -20.65 -8.18
N LYS A 55 -11.81 -20.18 -9.14
CA LYS A 55 -11.78 -20.73 -10.48
C LYS A 55 -10.42 -20.46 -11.17
N THR A 56 -9.82 -19.33 -10.84
CA THR A 56 -8.60 -18.92 -11.48
C THR A 56 -7.67 -18.09 -10.61
N LYS A 57 -6.43 -18.02 -11.07
CA LYS A 57 -5.42 -17.16 -10.50
C LYS A 57 -5.89 -15.71 -10.44
N ASP A 58 -6.52 -15.36 -11.41
CA ASP A 58 -7.19 -14.07 -11.52
C ASP A 58 -7.95 -13.69 -10.25
N ALA A 59 -8.87 -14.58 -10.11
CA ALA A 59 -9.82 -14.49 -9.02
C ALA A 59 -9.12 -14.31 -7.68
N ILE A 60 -8.01 -15.02 -7.55
CA ILE A 60 -7.15 -14.94 -6.39
C ILE A 60 -6.56 -13.53 -6.26
N MSE A 61 -5.87 -12.96 -7.30
CA MSE A 61 -5.44 -11.57 -7.16
C MSE A 61 -6.62 -10.63 -6.87
O MSE A 61 -6.52 -9.77 -6.09
CB MSE A 61 -4.75 -11.13 -8.46
CG MSE A 61 -4.20 -9.71 -8.40
SE MSE A 61 -2.76 -9.48 -7.15
CE MSE A 61 -1.36 -10.35 -8.18
N LEU A 62 -7.68 -10.70 -7.45
CA LEU A 62 -8.74 -9.75 -7.22
C LEU A 62 -9.16 -9.82 -5.78
N MSE A 63 -9.13 -10.85 -5.29
CA MSE A 63 -9.48 -11.12 -3.90
C MSE A 63 -8.44 -10.58 -2.93
O MSE A 63 -8.79 -10.04 -1.89
CB MSE A 63 -9.74 -12.58 -3.61
CG MSE A 63 -10.06 -12.81 -2.16
SE MSE A 63 -11.80 -11.96 -1.72
CE MSE A 63 -11.83 -12.45 0.17
N LEU A 64 -7.20 -10.72 -3.29
CA LEU A 64 -6.10 -10.06 -2.62
C LEU A 64 -6.16 -8.53 -2.68
N LEU A 65 -6.56 -7.95 -3.82
CA LEU A 65 -6.81 -6.50 -3.90
C LEU A 65 -7.92 -6.02 -2.94
N GLU A 66 -8.99 -6.79 -2.81
CA GLU A 66 -10.00 -6.47 -1.85
C GLU A 66 -9.50 -6.54 -0.41
N GLU A 67 -8.68 -7.50 -0.10
CA GLU A 67 -8.08 -7.54 1.23
C GLU A 67 -7.23 -6.29 1.44
N ALA A 68 -6.49 -5.89 0.42
CA ALA A 68 -5.62 -4.77 0.56
C ALA A 68 -6.43 -3.50 0.83
N GLU A 69 -7.53 -3.35 0.12
CA GLU A 69 -8.34 -2.19 0.31
C GLU A 69 -8.85 -2.18 1.77
N LYS A 70 -9.28 -3.34 2.23
CA LYS A 70 -9.78 -3.44 3.58
C LYS A 70 -8.75 -3.10 4.68
N TYR A 71 -7.55 -3.64 4.60
CA TYR A 71 -6.49 -3.33 5.55
C TYR A 71 -5.88 -1.93 5.49
N ILE A 72 -5.68 -1.47 4.28
CA ILE A 72 -4.94 -0.25 4.05
C ILE A 72 -5.75 1.02 3.90
N VAL A 73 -6.86 0.88 3.20
CA VAL A 73 -7.61 2.01 2.74
C VAL A 73 -8.92 2.30 3.48
N ASP A 74 -9.64 1.24 3.82
CA ASP A 74 -10.93 1.40 4.49
C ASP A 74 -10.77 2.19 5.81
N PRO A 75 -9.70 1.93 6.54
CA PRO A 75 -9.54 2.59 7.84
C PRO A 75 -9.15 4.05 7.84
N ILE A 76 -8.69 4.56 6.72
CA ILE A 76 -8.09 5.87 6.73
C ILE A 76 -8.98 7.01 7.16
N ASP A 77 -10.20 7.03 6.68
CA ASP A 77 -11.03 8.17 6.95
C ASP A 77 -11.22 8.39 8.44
N GLU A 78 -11.52 7.32 9.16
CA GLU A 78 -11.73 7.45 10.59
C GLU A 78 -10.48 7.84 11.34
N TYR A 79 -9.35 7.20 11.05
CA TYR A 79 -8.13 7.49 11.78
C TYR A 79 -7.62 8.91 11.53
N MSE A 80 -7.72 9.39 10.48
CA MSE A 80 -7.49 10.78 10.13
C MSE A 80 -8.45 11.74 10.82
O MSE A 80 -8.05 12.76 11.29
CB MSE A 80 -7.62 10.94 8.62
CG MSE A 80 -6.54 10.22 7.84
SE MSE A 80 -4.75 10.78 8.24
CE MSE A 80 -4.86 12.59 7.52
N ALA A 81 -9.70 11.44 10.76
CA ALA A 81 -10.66 12.32 11.40
C ALA A 81 -10.35 12.49 12.85
N ASN A 82 -9.89 11.41 13.48
CA ASN A 82 -9.71 11.35 14.93
C ASN A 82 -8.33 11.79 15.44
N ALA A 83 -7.39 11.94 14.52
CA ALA A 83 -6.07 12.47 14.76
C ALA A 83 -6.18 13.99 14.84
N GLY A 84 -5.21 14.65 15.43
CA GLY A 84 -5.29 16.08 15.57
C GLY A 84 -4.45 16.57 16.70
N PRO A 85 -4.73 17.79 17.14
CA PRO A 85 -5.75 18.69 16.62
C PRO A 85 -5.58 19.26 15.21
N LEU A 86 -4.38 19.55 14.78
CA LEU A 86 -4.14 20.12 13.46
C LEU A 86 -3.61 19.12 12.42
N ALA A 87 -3.45 19.59 11.19
CA ALA A 87 -3.10 18.72 10.07
C ALA A 87 -1.75 18.04 10.22
N ASP A 88 -0.83 18.68 10.93
CA ASP A 88 0.46 18.09 11.16
C ASP A 88 0.35 16.77 11.96
N ALA A 89 -0.46 16.78 12.99
CA ALA A 89 -0.67 15.55 13.76
C ALA A 89 -1.34 14.45 12.91
N LYS A 90 -2.24 14.87 12.03
CA LYS A 90 -2.90 13.93 11.16
C LYS A 90 -1.91 13.30 10.16
N LEU A 91 -0.99 14.10 9.66
CA LEU A 91 -0.01 13.60 8.70
C LEU A 91 0.91 12.62 9.39
N VAL A 92 1.30 12.94 10.59
CA VAL A 92 2.11 12.03 11.36
C VAL A 92 1.39 10.71 11.57
N LYS A 93 0.11 10.77 11.82
CA LYS A 93 -0.67 9.55 12.00
C LYS A 93 -0.71 8.71 10.71
N PHE A 94 -0.90 9.37 9.59
CA PHE A 94 -0.88 8.65 8.34
C PHE A 94 0.46 7.99 8.08
N ILE A 95 1.51 8.73 8.30
CA ILE A 95 2.83 8.19 8.16
C ILE A 95 3.10 6.98 9.10
N ASN A 96 2.74 7.10 10.36
CA ASN A 96 2.87 6.00 11.27
C ASN A 96 2.02 4.79 10.94
N MSE A 97 0.81 5.00 10.44
CA MSE A 97 -0.01 3.85 10.03
C MSE A 97 0.57 3.15 8.82
O MSE A 97 0.52 1.96 8.75
CB MSE A 97 -1.48 4.16 9.76
CG MSE A 97 -2.11 4.74 10.99
SE MSE A 97 -2.29 3.37 12.46
CE MSE A 97 -2.66 1.69 11.54
N GLN A 98 1.08 3.89 7.87
CA GLN A 98 1.69 3.28 6.72
C GLN A 98 2.93 2.50 7.06
N ALA A 99 3.71 3.03 7.97
CA ALA A 99 4.90 2.30 8.42
C ALA A 99 4.46 1.01 9.05
N LEU A 100 3.41 1.07 9.82
CA LEU A 100 2.98 -0.15 10.49
C LEU A 100 2.54 -1.24 9.48
N LEU A 101 1.81 -0.81 8.48
CA LEU A 101 1.41 -1.70 7.40
C LEU A 101 2.63 -2.26 6.66
N GLY A 102 3.63 -1.43 6.48
CA GLY A 102 4.86 -1.86 5.87
C GLY A 102 5.59 -2.92 6.66
N VAL A 103 5.41 -2.93 7.95
CA VAL A 103 6.00 -3.99 8.77
C VAL A 103 5.16 -5.26 8.76
N THR A 104 3.86 -5.10 8.94
CA THR A 104 2.94 -6.20 9.13
C THR A 104 2.19 -6.78 7.90
N LYS A 105 1.91 -5.94 6.91
CA LYS A 105 1.24 -6.35 5.70
C LYS A 105 1.91 -5.77 4.43
N PRO A 106 3.23 -5.92 4.32
CA PRO A 106 3.97 -5.30 3.23
C PRO A 106 3.56 -5.82 1.89
N GLN A 107 3.20 -7.07 1.85
CA GLN A 107 2.82 -7.63 0.59
C GLN A 107 1.56 -6.97 0.02
N HIS A 108 0.60 -6.71 0.88
CA HIS A 108 -0.60 -6.05 0.47
C HIS A 108 -0.26 -4.63 -0.02
N VAL A 109 0.62 -3.93 0.67
CA VAL A 109 0.96 -2.59 0.25
C VAL A 109 1.61 -2.62 -1.14
N LEU A 110 2.51 -3.56 -1.34
CA LEU A 110 3.24 -3.64 -2.58
C LEU A 110 2.28 -3.88 -3.75
N LEU A 111 1.23 -4.66 -3.51
CA LEU A 111 0.26 -4.88 -4.56
C LEU A 111 -0.40 -3.62 -4.97
N LEU A 112 -0.79 -2.78 -4.02
CA LEU A 112 -1.45 -1.56 -4.40
C LEU A 112 -0.52 -0.65 -5.19
N ILE A 113 0.72 -0.54 -4.76
CA ILE A 113 1.66 0.32 -5.46
C ILE A 113 1.97 -0.14 -6.85
N LEU A 114 2.20 -1.43 -7.03
CA LEU A 114 2.70 -1.93 -8.31
C LEU A 114 1.71 -2.59 -9.26
N VAL A 115 0.65 -3.20 -8.73
CA VAL A 115 -0.36 -3.79 -9.59
C VAL A 115 -1.09 -2.68 -10.39
N SER A 116 -0.95 -1.46 -9.93
CA SER A 116 -1.63 -0.36 -10.47
C SER A 116 -0.82 0.25 -11.66
N ILE A 117 0.26 -0.41 -12.06
CA ILE A 117 0.98 -0.03 -13.27
C ILE A 117 1.22 -1.25 -14.19
N ASP A 118 1.50 -0.97 -15.45
CA ASP A 118 1.57 -1.99 -16.50
C ASP A 118 2.63 -3.04 -16.31
N PHE A 119 3.75 -2.61 -15.76
CA PHE A 119 4.95 -3.42 -15.68
C PHE A 119 4.75 -4.68 -14.89
N SER A 120 3.78 -4.67 -13.98
CA SER A 120 3.49 -5.78 -13.10
C SER A 120 2.96 -7.01 -13.81
N GLY A 121 2.43 -6.79 -14.98
CA GLY A 121 1.97 -7.85 -15.85
C GLY A 121 0.69 -8.57 -15.55
N THR A 122 -0.25 -7.91 -14.90
CA THR A 122 -1.51 -8.52 -14.50
C THR A 122 -2.65 -8.37 -15.49
N GLY A 123 -2.53 -7.43 -16.38
CA GLY A 123 -3.63 -7.14 -17.24
C GLY A 123 -4.62 -6.10 -16.68
N ASP A 124 -5.38 -5.52 -17.61
CA ASP A 124 -6.18 -4.34 -17.44
C ASP A 124 -7.28 -4.41 -16.40
N ASP A 125 -7.95 -5.53 -16.29
CA ASP A 125 -8.98 -5.64 -15.30
C ASP A 125 -8.44 -5.51 -13.88
N ILE A 126 -7.41 -6.29 -13.58
CA ILE A 126 -6.75 -6.28 -12.29
C ILE A 126 -6.06 -4.92 -12.01
N GLU A 127 -5.41 -4.40 -13.02
CA GLU A 127 -4.73 -3.15 -12.88
C GLU A 127 -5.72 -1.99 -12.58
N LYS A 128 -6.84 -2.01 -13.27
CA LYS A 128 -7.84 -1.00 -13.09
C LYS A 128 -8.37 -1.02 -11.64
N ARG A 129 -8.61 -2.19 -11.10
CA ARG A 129 -9.08 -2.27 -9.71
C ARG A 129 -8.02 -1.66 -8.75
N ALA A 130 -6.78 -2.00 -8.94
CA ALA A 130 -5.74 -1.43 -8.12
C ALA A 130 -5.57 0.09 -8.29
N LYS A 131 -5.67 0.57 -9.52
CA LYS A 131 -5.59 1.99 -9.75
C LYS A 131 -6.67 2.70 -8.93
N ALA A 132 -7.86 2.16 -8.93
CA ALA A 132 -8.99 2.73 -8.18
C ALA A 132 -8.79 2.78 -6.69
N ILE A 133 -8.25 1.71 -6.16
CA ILE A 133 -7.98 1.64 -4.74
C ILE A 133 -6.92 2.69 -4.38
N TYR A 134 -5.91 2.83 -5.23
CA TYR A 134 -4.83 3.78 -5.02
C TYR A 134 -5.37 5.18 -4.96
N ARG A 135 -6.24 5.50 -5.90
CA ARG A 135 -6.79 6.84 -5.98
C ARG A 135 -7.59 7.16 -4.74
N ARG A 136 -8.27 6.17 -4.23
CA ARG A 136 -9.03 6.39 -3.01
C ARG A 136 -8.10 6.79 -1.82
N MSE A 137 -6.97 6.14 -1.71
CA MSE A 137 -6.02 6.48 -0.70
C MSE A 137 -5.44 7.86 -0.92
O MSE A 137 -5.45 8.71 -0.06
CB MSE A 137 -4.91 5.43 -0.66
CG MSE A 137 -3.86 5.75 0.34
SE MSE A 137 -2.68 4.16 0.53
CE MSE A 137 -1.81 4.92 2.07
N TYR A 138 -5.04 8.12 -2.13
CA TYR A 138 -4.46 9.39 -2.47
C TYR A 138 -5.45 10.50 -2.12
N GLY A 139 -6.71 10.31 -2.40
CA GLY A 139 -7.66 11.35 -2.14
C GLY A 139 -7.69 11.82 -0.69
N HIS A 140 -7.54 10.87 0.22
CA HIS A 140 -7.50 11.22 1.62
C HIS A 140 -6.27 12.08 1.94
N VAL A 141 -5.15 11.75 1.33
CA VAL A 141 -3.94 12.55 1.51
C VAL A 141 -4.04 13.99 0.96
N GLU A 142 -4.64 14.11 -0.21
CA GLU A 142 -4.87 15.40 -0.82
C GLU A 142 -5.76 16.27 0.06
N GLN A 143 -6.78 15.64 0.61
CA GLN A 143 -7.64 16.35 1.57
C GLN A 143 -6.95 16.79 2.84
N LEU A 144 -6.09 15.93 3.34
CA LEU A 144 -5.36 16.31 4.52
C LEU A 144 -4.46 17.49 4.26
N ILE A 145 -3.77 17.47 3.13
CA ILE A 145 -2.90 18.56 2.81
C ILE A 145 -3.69 19.87 2.64
N ALA A 146 -4.80 19.80 1.94
CA ALA A 146 -5.62 20.95 1.73
C ALA A 146 -6.09 21.54 3.05
N GLN A 147 -6.42 20.68 4.00
CA GLN A 147 -6.86 21.16 5.32
C GLN A 147 -5.76 21.92 6.01
N GLY A 148 -4.58 21.37 5.96
CA GLY A 148 -3.44 22.01 6.58
C GLY A 148 -3.12 23.36 5.95
N GLN A 149 -3.31 23.46 4.66
CA GLN A 149 -3.12 24.71 3.98
C GLN A 149 -4.12 25.77 4.44
N THR A 150 -5.37 25.36 4.60
CA THR A 150 -6.40 26.22 5.17
C THR A 150 -6.03 26.69 6.58
N GLU A 151 -5.51 25.80 7.40
CA GLU A 151 -5.14 26.10 8.75
C GLU A 151 -3.89 26.93 8.88
N GLY A 152 -3.12 27.04 7.81
CA GLY A 152 -1.86 27.72 7.89
C GLY A 152 -0.70 26.89 8.42
N VAL A 153 -0.96 25.62 8.65
CA VAL A 153 0.09 24.67 8.98
C VAL A 153 1.06 24.26 7.84
N PHE A 154 0.51 23.99 6.69
CA PHE A 154 1.29 23.58 5.53
C PHE A 154 1.45 24.69 4.49
N ARG A 155 2.55 24.65 3.76
CA ARG A 155 2.83 25.59 2.72
C ARG A 155 1.79 25.59 1.61
N SER A 156 1.62 26.76 0.99
CA SER A 156 0.65 27.01 -0.04
C SER A 156 1.24 27.48 -1.37
N ASP A 157 2.53 27.31 -1.52
CA ASP A 157 3.18 27.62 -2.77
C ASP A 157 3.14 26.43 -3.73
N SER A 158 2.48 25.35 -3.37
CA SER A 158 2.26 24.23 -4.27
C SER A 158 0.87 23.70 -4.00
N GLY A 159 0.27 23.12 -5.02
CA GLY A 159 -1.04 22.56 -4.88
C GLY A 159 -1.13 21.37 -3.94
N SER A 160 -2.28 21.20 -3.31
CA SER A 160 -2.46 20.07 -2.44
C SER A 160 -2.38 18.75 -3.22
N ASP A 161 -2.81 18.76 -4.48
CA ASP A 161 -2.68 17.58 -5.34
C ASP A 161 -1.20 17.20 -5.57
N GLU A 162 -0.38 18.12 -6.00
CA GLU A 162 1.02 17.82 -6.18
C GLU A 162 1.70 17.41 -4.84
N LEU A 163 1.43 18.11 -3.75
CA LEU A 163 2.08 17.79 -2.49
C LEU A 163 1.71 16.39 -2.01
N ALA A 164 0.45 16.04 -2.19
CA ALA A 164 -0.05 14.72 -1.82
C ALA A 164 0.66 13.62 -2.62
N SER A 165 0.89 13.89 -3.88
CA SER A 165 1.60 12.93 -4.70
C SER A 165 3.00 12.70 -4.16
N ILE A 166 3.63 13.75 -3.67
CA ILE A 166 4.95 13.59 -3.08
C ILE A 166 4.91 12.74 -1.81
N VAL A 167 3.92 12.95 -0.98
CA VAL A 167 3.80 12.12 0.18
C VAL A 167 3.56 10.65 -0.20
N MSE A 168 2.65 10.39 -1.12
CA MSE A 168 2.45 9.03 -1.58
C MSE A 168 3.67 8.47 -2.26
O MSE A 168 3.97 7.34 -2.05
CB MSE A 168 1.23 8.92 -2.51
CG MSE A 168 -0.05 9.40 -1.89
SE MSE A 168 -0.69 7.97 -0.66
CE MSE A 168 -0.91 6.51 -2.01
N ALA A 169 4.36 9.25 -3.07
CA ALA A 169 5.56 8.74 -3.75
C ALA A 169 6.65 8.29 -2.79
N ALA A 170 6.91 9.11 -1.75
CA ALA A 170 7.90 8.76 -0.75
C ALA A 170 7.50 7.49 -0.06
N HIS A 171 6.24 7.39 0.25
CA HIS A 171 5.76 6.20 0.89
C HIS A 171 5.94 4.96 0.03
N ASP A 172 5.58 5.04 -1.23
CA ASP A 172 5.73 3.90 -2.10
C ASP A 172 7.22 3.49 -2.20
N GLY A 173 8.09 4.44 -2.38
CA GLY A 173 9.51 4.18 -2.55
C GLY A 173 10.16 3.55 -1.36
N VAL A 174 9.74 3.95 -0.17
CA VAL A 174 10.32 3.43 1.04
C VAL A 174 9.99 1.95 1.14
N LEU A 175 8.77 1.60 0.78
CA LEU A 175 8.39 0.21 0.85
C LEU A 175 9.16 -0.65 -0.17
N ILE A 176 9.25 -0.14 -1.37
CA ILE A 176 9.97 -0.82 -2.40
C ILE A 176 11.44 -1.01 -1.97
N GLU A 177 12.00 -0.01 -1.29
CA GLU A 177 13.36 -0.10 -0.83
C GLU A 177 13.57 -1.27 0.18
N TRP A 178 12.57 -1.54 1.01
CA TRP A 178 12.64 -2.73 1.84
C TRP A 178 12.69 -4.01 0.99
N TYR A 179 11.92 -4.06 -0.06
CA TYR A 179 11.94 -5.20 -0.97
C TYR A 179 13.29 -5.33 -1.69
N ARG A 180 13.91 -4.19 -1.87
CA ARG A 180 15.20 -4.10 -2.51
C ARG A 180 16.37 -4.60 -1.67
N ARG A 181 16.35 -4.30 -0.37
CA ARG A 181 17.48 -4.58 0.56
C ARG A 181 17.07 -5.02 1.96
N PRO A 182 16.34 -6.12 2.00
CA PRO A 182 15.78 -6.58 3.27
C PRO A 182 16.82 -6.97 4.30
N ASN A 183 18.01 -7.29 3.87
CA ASN A 183 19.00 -7.67 4.86
C ASN A 183 19.68 -6.47 5.52
N GLU A 184 19.39 -5.28 5.00
CA GLU A 184 20.04 -4.09 5.48
C GLU A 184 19.09 -3.15 6.20
N LEU A 185 17.80 -3.38 6.04
CA LEU A 185 16.82 -2.59 6.74
C LEU A 185 15.53 -3.35 7.01
N THR A 186 14.76 -2.75 7.90
CA THR A 186 13.44 -3.21 8.25
C THR A 186 12.39 -2.21 7.74
N GLY A 187 11.15 -2.56 7.93
CA GLY A 187 10.06 -1.71 7.53
C GLY A 187 10.02 -0.39 8.27
N LYS A 188 10.72 -0.30 9.38
CA LYS A 188 10.68 0.88 10.24
C LYS A 188 11.92 1.73 10.15
N THR A 189 12.90 1.22 9.47
CA THR A 189 14.20 1.84 9.54
C THR A 189 14.11 3.25 9.04
N LEU A 190 13.34 3.45 7.98
CA LEU A 190 13.31 4.73 7.32
C LEU A 190 12.22 5.68 7.83
N THR A 191 11.42 5.24 8.78
CA THR A 191 10.27 6.00 9.16
C THR A 191 10.54 7.40 9.76
N LYS A 192 11.51 7.49 10.65
CA LYS A 192 11.85 8.78 11.22
C LYS A 192 12.35 9.77 10.20
N ALA A 193 13.22 9.33 9.31
CA ALA A 193 13.72 10.16 8.27
C ALA A 193 12.58 10.58 7.31
N LEU A 194 11.69 9.67 7.02
CA LEU A 194 10.58 9.99 6.16
C LEU A 194 9.72 11.09 6.75
N ARG A 195 9.40 10.93 8.01
CA ARG A 195 8.57 11.89 8.70
C ARG A 195 9.25 13.27 8.78
N SER A 196 10.54 13.24 9.08
CA SER A 196 11.32 14.43 9.24
C SER A 196 11.39 15.25 7.94
N VAL A 197 11.64 14.54 6.84
CA VAL A 197 11.72 15.18 5.55
C VAL A 197 10.39 15.72 5.07
N LEU A 198 9.37 14.91 5.17
CA LEU A 198 8.07 15.36 4.72
C LEU A 198 7.64 16.61 5.52
N LEU A 199 7.85 16.62 6.81
CA LEU A 199 7.45 17.79 7.63
C LEU A 199 8.35 19.04 7.46
N ASN A 200 9.64 18.85 7.65
CA ASN A 200 10.57 19.95 7.58
C ASN A 200 11.69 19.96 6.52
N GLY A 201 11.81 18.95 5.70
CA GLY A 201 12.78 18.98 4.65
C GLY A 201 14.20 18.68 5.09
N LEU A 202 15.15 18.88 4.20
CA LEU A 202 16.58 18.65 4.47
C LEU A 202 17.36 19.87 4.96
N ILE A 203 16.91 21.05 4.59
CA ILE A 203 17.64 22.28 4.85
C ILE A 203 17.50 22.67 6.31
N VAL A 204 18.61 23.12 6.88
CA VAL A 204 18.65 23.45 8.26
C VAL A 204 17.78 24.63 8.58
#